data_2JEV
#
_entry.id   2JEV
#
_cell.length_a   46.729
_cell.length_b   46.729
_cell.length_c   191.792
_cell.angle_alpha   90.00
_cell.angle_beta   90.00
_cell.angle_gamma   90.00
#
_symmetry.space_group_name_H-M   'P 43'
#
loop_
_entity.id
_entity.type
_entity.pdbx_description
1 polymer 'DIAMINE ACETYLTRANSFERASE 1'
2 non-polymer '(3R)-27-AMINO-3-HYDROXY-2,2-DIMETHYL-4,8,14-TRIOXO-12-THIA-5,9,15,19,24-PENTAAZAHEPTACOS-1-YL [(2S,3R,4S,5S)-5-(6-AMINO-9H-PURIN-9-YL)-4-HYDROXY-3-(PHOSPHONOOXY)TETRAHYDROFURAN-2-YL]METHYL DIHYDROGEN DIPHOSPHATE'
3 water water
#
_entity_poly.entity_id   1
_entity_poly.type   'polypeptide(L)'
_entity_poly.pdbx_seq_one_letter_code
;GSHMAKFVIRPATAADCSDILRLIKELAKYEYMEEQVILTEKDLLEDGFGEHPFYHCLVAEVPKEHWTPEGHSIVGFAMY
YFTYDPWIGKLLYLEDFFVMSDYRGFGIGSEILKNLSQVAMRCRCSSMHFLVAEWNEPSINFYKRRGASDLSSEEGWRLF
KIDKEYLLKMATEE
;
_entity_poly.pdbx_strand_id   A,B
#
loop_
_chem_comp.id
_chem_comp.type
_chem_comp.name
_chem_comp.formula
NHQ non-polymer '(3R)-27-AMINO-3-HYDROXY-2,2-DIMETHYL-4,8,14-TRIOXO-12-THIA-5,9,15,19,24-PENTAAZAHEPTACOS-1-YL [(2S,3R,4S,5S)-5-(6-AMINO-9H-PURIN-9-YL)-4-HYDROXY-3-(PHOSPHONOOXY)TETRAHYDROFURAN-2-YL]METHYL DIHYDROGEN DIPHOSPHATE' 'C33 H62 N11 O17 P3 S'
#
# COMPACT_ATOMS: atom_id res chain seq x y z
N ALA A 5 -27.74 0.29 -21.37
CA ALA A 5 -26.38 0.05 -20.77
C ALA A 5 -26.43 -1.10 -19.80
N LYS A 6 -26.27 -2.32 -20.32
CA LYS A 6 -26.27 -3.51 -19.46
C LYS A 6 -24.84 -3.97 -19.18
N PHE A 7 -24.47 -3.96 -17.91
CA PHE A 7 -23.16 -4.42 -17.48
C PHE A 7 -23.28 -4.98 -16.08
N VAL A 8 -22.27 -5.77 -15.69
CA VAL A 8 -22.18 -6.32 -14.37
C VAL A 8 -20.77 -6.05 -13.82
N ILE A 9 -20.68 -5.74 -12.54
CA ILE A 9 -19.41 -5.64 -11.85
C ILE A 9 -19.29 -6.88 -10.97
N ARG A 10 -18.26 -7.67 -11.22
CA ARG A 10 -18.02 -8.90 -10.49
C ARG A 10 -16.53 -9.02 -10.17
N PRO A 11 -16.16 -9.89 -9.21
CA PRO A 11 -14.77 -10.27 -9.02
C PRO A 11 -14.13 -10.89 -10.26
N ALA A 12 -12.85 -10.63 -10.43
CA ALA A 12 -12.07 -11.22 -11.50
C ALA A 12 -11.82 -12.70 -11.20
N THR A 13 -11.77 -13.52 -12.26
CA THR A 13 -11.29 -14.88 -12.16
C THR A 13 -10.03 -14.99 -13.01
N ALA A 14 -9.35 -16.13 -12.92
CA ALA A 14 -8.12 -16.40 -13.67
C ALA A 14 -8.34 -16.31 -15.20
N ALA A 15 -9.55 -16.66 -15.64
CA ALA A 15 -9.93 -16.53 -17.04
C ALA A 15 -9.95 -15.05 -17.52
N ASP A 16 -10.09 -14.11 -16.60
CA ASP A 16 -10.08 -12.65 -16.91
C ASP A 16 -8.68 -12.00 -17.01
N CYS A 17 -7.60 -12.75 -16.74
CA CYS A 17 -6.26 -12.14 -16.67
C CYS A 17 -5.74 -11.56 -17.98
N SER A 18 -6.10 -12.20 -19.09
CA SER A 18 -5.76 -11.66 -20.41
C SER A 18 -6.44 -10.30 -20.66
N ASP A 19 -7.70 -10.19 -20.23
CA ASP A 19 -8.47 -8.95 -20.36
C ASP A 19 -7.90 -7.82 -19.50
N ILE A 20 -7.53 -8.14 -18.26
CA ILE A 20 -6.93 -7.22 -17.32
C ILE A 20 -5.60 -6.67 -17.85
N LEU A 21 -4.72 -7.54 -18.38
CA LEU A 21 -3.46 -7.07 -19.00
C LEU A 21 -3.72 -6.16 -20.20
N ARG A 22 -4.68 -6.54 -21.03
CA ARG A 22 -5.09 -5.74 -22.18
C ARG A 22 -5.52 -4.35 -21.73
N LEU A 23 -6.32 -4.29 -20.66
CA LEU A 23 -6.79 -3.00 -20.14
C LEU A 23 -5.67 -2.20 -19.44
N ILE A 24 -4.78 -2.90 -18.73
CA ILE A 24 -3.60 -2.27 -18.14
C ILE A 24 -2.76 -1.59 -19.23
N LYS A 25 -2.53 -2.29 -20.34
CA LYS A 25 -1.85 -1.73 -21.50
C LYS A 25 -2.61 -0.56 -22.18
N GLU A 26 -3.94 -0.60 -22.19
CA GLU A 26 -4.74 0.56 -22.65
C GLU A 26 -4.71 1.75 -21.68
N LEU A 27 -4.64 1.46 -20.39
CA LEU A 27 -4.44 2.48 -19.35
C LEU A 27 -3.08 3.13 -19.50
N ALA A 28 -2.06 2.32 -19.77
CA ALA A 28 -0.68 2.79 -19.96
C ALA A 28 -0.55 3.74 -21.15
N LYS A 29 -1.03 3.27 -22.31
CA LYS A 29 -1.21 4.14 -23.48
C LYS A 29 -2.06 5.38 -23.21
N TYR A 30 -2.99 5.30 -22.26
CA TYR A 30 -3.85 6.46 -21.95
C TYR A 30 -3.14 7.50 -21.12
N GLU A 31 -2.66 7.10 -19.95
CA GLU A 31 -2.04 8.04 -19.01
C GLU A 31 -0.74 8.65 -19.56
N TYR A 32 -0.43 9.86 -19.10
CA TYR A 32 0.49 10.73 -19.84
C TYR A 32 1.97 10.35 -19.77
N MET A 33 2.42 9.90 -18.60
CA MET A 33 3.78 9.37 -18.45
C MET A 33 3.95 8.16 -19.39
N GLU A 34 5.20 7.85 -19.75
CA GLU A 34 5.44 6.83 -20.78
C GLU A 34 6.19 5.58 -20.29
N GLU A 35 5.74 5.03 -19.16
CA GLU A 35 6.27 3.75 -18.70
C GLU A 35 5.68 2.61 -19.52
N GLN A 36 6.46 1.55 -19.72
CA GLN A 36 5.90 0.38 -20.38
C GLN A 36 5.56 -0.77 -19.42
N VAL A 37 4.51 -1.49 -19.76
CA VAL A 37 4.01 -2.61 -18.98
C VAL A 37 4.93 -3.81 -19.14
N ILE A 38 5.66 -4.12 -18.08
CA ILE A 38 6.60 -5.24 -18.03
C ILE A 38 5.86 -6.53 -17.68
N LEU A 39 4.78 -6.35 -16.91
CA LEU A 39 3.88 -7.40 -16.48
C LEU A 39 3.39 -8.31 -17.60
N THR A 40 3.39 -9.62 -17.32
CA THR A 40 2.86 -10.61 -18.26
C THR A 40 1.57 -11.20 -17.72
N GLU A 41 0.85 -11.90 -18.59
CA GLU A 41 -0.38 -12.61 -18.22
C GLU A 41 -0.07 -13.66 -17.15
N LYS A 42 1.07 -14.34 -17.28
CA LYS A 42 1.53 -15.31 -16.27
C LYS A 42 1.78 -14.69 -14.88
N ASP A 43 2.52 -13.58 -14.83
CA ASP A 43 2.67 -12.73 -13.60
C ASP A 43 1.32 -12.46 -12.94
N LEU A 44 0.38 -11.96 -13.73
CA LEU A 44 -0.98 -11.71 -13.24
C LEU A 44 -1.67 -12.95 -12.65
N LEU A 45 -1.43 -14.12 -13.26
CA LEU A 45 -1.98 -15.37 -12.76
C LEU A 45 -1.29 -15.83 -11.48
N GLU A 46 0.05 -15.85 -11.52
CA GLU A 46 0.84 -16.16 -10.34
C GLU A 46 0.48 -15.27 -9.15
N ASP A 47 0.50 -13.95 -9.37
CA ASP A 47 0.38 -12.94 -8.30
C ASP A 47 -1.02 -12.73 -7.79
N GLY A 48 -2.02 -13.07 -8.60
CA GLY A 48 -3.40 -12.86 -8.19
C GLY A 48 -4.18 -14.13 -7.97
N PHE A 49 -3.74 -15.22 -8.59
CA PHE A 49 -4.55 -16.44 -8.63
C PHE A 49 -3.77 -17.70 -8.22
N GLY A 50 -2.56 -17.46 -7.72
CA GLY A 50 -1.80 -18.44 -6.99
C GLY A 50 -2.26 -18.49 -5.54
N GLU A 51 -1.26 -18.62 -4.65
CA GLU A 51 -1.48 -19.00 -3.25
C GLU A 51 -1.98 -17.85 -2.38
N HIS A 52 -1.11 -16.87 -2.19
CA HIS A 52 -1.42 -15.62 -1.49
C HIS A 52 -1.64 -14.57 -2.59
N PRO A 53 -2.82 -13.95 -2.62
CA PRO A 53 -3.07 -12.98 -3.68
C PRO A 53 -2.47 -11.62 -3.30
N PHE A 54 -1.59 -11.10 -4.16
CA PHE A 54 -0.95 -9.79 -3.97
C PHE A 54 -1.76 -8.59 -4.50
N TYR A 55 -2.81 -8.87 -5.29
CA TYR A 55 -3.80 -7.89 -5.73
C TYR A 55 -5.16 -8.60 -5.85
N HIS A 56 -6.22 -7.81 -5.87
CA HIS A 56 -7.56 -8.26 -6.23
C HIS A 56 -8.10 -7.29 -7.29
N CYS A 57 -8.74 -7.84 -8.31
CA CYS A 57 -9.38 -7.02 -9.33
C CYS A 57 -10.88 -7.23 -9.32
N LEU A 58 -11.60 -6.14 -9.53
CA LEU A 58 -13.00 -6.17 -9.94
C LEU A 58 -13.01 -5.95 -11.43
N VAL A 59 -14.01 -6.53 -12.08
CA VAL A 59 -14.10 -6.56 -13.52
C VAL A 59 -15.51 -6.08 -13.99
N ALA A 60 -15.56 -5.27 -15.05
CA ALA A 60 -16.82 -4.83 -15.66
C ALA A 60 -17.13 -5.68 -16.89
N GLU A 61 -18.23 -6.42 -16.83
CA GLU A 61 -18.55 -7.37 -17.91
C GLU A 61 -19.87 -7.04 -18.62
N VAL A 62 -19.80 -6.98 -19.96
CA VAL A 62 -20.98 -6.74 -20.82
C VAL A 62 -21.45 -7.99 -21.60
N PRO A 63 -22.74 -8.02 -22.02
CA PRO A 63 -23.26 -9.18 -22.75
C PRO A 63 -22.92 -9.12 -24.24
N LYS A 64 -23.07 -10.23 -24.96
CA LYS A 64 -22.59 -10.40 -26.35
C LYS A 64 -22.87 -9.21 -27.28
N GLU A 65 -24.05 -8.63 -27.12
CA GLU A 65 -24.51 -7.49 -27.90
C GLU A 65 -23.50 -6.34 -27.86
N HIS A 66 -23.00 -6.06 -26.66
CA HIS A 66 -22.13 -4.90 -26.42
C HIS A 66 -20.64 -5.21 -26.41
N TRP A 67 -20.28 -6.44 -26.80
CA TRP A 67 -18.87 -6.84 -26.90
C TRP A 67 -18.07 -5.89 -27.79
N THR A 68 -16.76 -5.81 -27.54
CA THR A 68 -15.84 -4.89 -28.23
C THR A 68 -15.67 -5.24 -29.73
N PRO A 69 -14.99 -4.37 -30.50
CA PRO A 69 -14.62 -4.67 -31.90
C PRO A 69 -13.77 -5.93 -32.10
N GLU A 70 -13.14 -6.41 -31.02
CA GLU A 70 -12.32 -7.60 -31.09
C GLU A 70 -12.93 -8.80 -30.32
N GLY A 71 -14.22 -8.67 -29.98
CA GLY A 71 -14.97 -9.75 -29.33
C GLY A 71 -14.78 -9.94 -27.84
N HIS A 72 -14.37 -8.89 -27.13
CA HIS A 72 -14.13 -8.98 -25.69
C HIS A 72 -15.34 -8.55 -24.88
N SER A 73 -15.58 -9.23 -23.75
CA SER A 73 -16.72 -8.93 -22.88
C SER A 73 -16.33 -8.04 -21.69
N ILE A 74 -15.03 -7.88 -21.45
CA ILE A 74 -14.50 -7.11 -20.34
C ILE A 74 -14.08 -5.71 -20.81
N VAL A 75 -14.71 -4.70 -20.22
CA VAL A 75 -14.58 -3.31 -20.67
C VAL A 75 -14.05 -2.39 -19.58
N GLY A 76 -13.82 -2.93 -18.38
CA GLY A 76 -13.34 -2.10 -17.28
C GLY A 76 -12.79 -2.95 -16.16
N PHE A 77 -11.99 -2.34 -15.29
CA PHE A 77 -11.46 -3.03 -14.13
C PHE A 77 -11.06 -2.07 -13.04
N ALA A 78 -11.00 -2.59 -11.82
CA ALA A 78 -10.35 -1.92 -10.70
C ALA A 78 -9.33 -2.89 -10.10
N MET A 79 -8.17 -2.36 -9.71
CA MET A 79 -7.21 -3.15 -8.96
C MET A 79 -7.04 -2.60 -7.55
N TYR A 80 -7.17 -3.47 -6.56
CA TYR A 80 -7.01 -3.09 -5.17
C TYR A 80 -6.27 -4.16 -4.37
N TYR A 81 -5.85 -3.79 -3.18
CA TYR A 81 -5.26 -4.71 -2.22
C TYR A 81 -5.47 -4.12 -0.82
N PHE A 82 -5.05 -4.86 0.19
CA PHE A 82 -5.24 -4.48 1.59
C PHE A 82 -3.89 -4.09 2.16
N THR A 83 -3.90 -2.97 2.90
CA THR A 83 -2.73 -2.38 3.54
C THR A 83 -2.98 -2.23 5.05
N TYR A 84 -2.01 -1.67 5.77
CA TYR A 84 -2.10 -1.62 7.21
C TYR A 84 -1.58 -0.31 7.78
N ASP A 85 -2.28 0.18 8.79
CA ASP A 85 -1.93 1.40 9.46
C ASP A 85 -1.71 1.10 10.95
N PRO A 86 -0.58 1.54 11.53
CA PRO A 86 -0.31 1.21 12.96
C PRO A 86 -1.26 1.87 13.99
N TRP A 87 -1.98 2.91 13.57
CA TRP A 87 -2.96 3.56 14.44
C TRP A 87 -4.30 2.85 14.43
N ILE A 88 -4.73 2.38 13.25
CA ILE A 88 -6.14 1.96 13.08
C ILE A 88 -6.37 0.67 12.25
N GLY A 89 -5.30 -0.06 11.96
CA GLY A 89 -5.41 -1.38 11.36
C GLY A 89 -5.60 -1.46 9.87
N LYS A 90 -6.39 -2.44 9.43
CA LYS A 90 -6.54 -2.83 8.04
C LYS A 90 -7.18 -1.72 7.22
N LEU A 91 -6.62 -1.45 6.03
CA LEU A 91 -7.19 -0.45 5.10
C LEU A 91 -7.39 -1.03 3.70
N LEU A 92 -8.37 -0.49 2.97
CA LEU A 92 -8.50 -0.82 1.57
C LEU A 92 -7.65 0.19 0.76
N TYR A 93 -6.82 -0.31 -0.16
CA TYR A 93 -6.01 0.52 -1.04
C TYR A 93 -6.44 0.34 -2.50
N LEU A 94 -6.85 1.44 -3.13
CA LEU A 94 -7.22 1.44 -4.54
C LEU A 94 -6.00 1.82 -5.39
N GLU A 95 -5.53 0.87 -6.20
CA GLU A 95 -4.34 1.04 -7.03
C GLU A 95 -4.66 1.72 -8.36
N ASP A 96 -5.70 1.24 -9.05
CA ASP A 96 -6.12 1.87 -10.29
C ASP A 96 -7.48 1.35 -10.70
N PHE A 97 -8.19 2.16 -11.48
CA PHE A 97 -9.24 1.65 -12.35
C PHE A 97 -9.37 2.40 -13.68
N PHE A 98 -9.96 1.73 -14.64
CA PHE A 98 -9.99 2.20 -16.00
C PHE A 98 -11.24 1.62 -16.63
N VAL A 99 -11.92 2.42 -17.45
CA VAL A 99 -13.05 1.96 -18.27
C VAL A 99 -12.73 2.37 -19.70
N MET A 100 -12.89 1.46 -20.67
CA MET A 100 -12.59 1.78 -22.09
C MET A 100 -13.45 2.93 -22.61
N SER A 101 -12.88 3.72 -23.52
CA SER A 101 -13.52 4.95 -24.02
C SER A 101 -14.98 4.81 -24.45
N ASP A 102 -15.24 3.97 -25.44
CA ASP A 102 -16.60 3.83 -25.96
C ASP A 102 -17.62 3.29 -24.95
N TYR A 103 -17.15 2.99 -23.73
CA TYR A 103 -17.98 2.46 -22.66
C TYR A 103 -18.07 3.37 -21.44
N ARG A 104 -17.39 4.51 -21.50
CA ARG A 104 -17.53 5.56 -20.48
C ARG A 104 -18.92 6.25 -20.56
N GLY A 105 -19.38 6.76 -19.42
CA GLY A 105 -20.58 7.57 -19.35
C GLY A 105 -21.88 6.82 -19.10
N PHE A 106 -21.78 5.59 -18.59
CA PHE A 106 -22.97 4.75 -18.38
C PHE A 106 -23.07 4.21 -16.96
N GLY A 107 -22.26 4.78 -16.07
CA GLY A 107 -22.33 4.45 -14.65
C GLY A 107 -21.44 3.30 -14.20
N ILE A 108 -20.56 2.84 -15.09
CA ILE A 108 -19.62 1.74 -14.77
C ILE A 108 -18.64 2.13 -13.67
N GLY A 109 -17.91 3.21 -13.90
CA GLY A 109 -16.96 3.79 -12.93
C GLY A 109 -17.60 3.98 -11.57
N SER A 110 -18.78 4.61 -11.56
CA SER A 110 -19.57 4.79 -10.32
C SER A 110 -19.91 3.46 -9.67
N GLU A 111 -20.40 2.54 -10.49
CA GLU A 111 -20.73 1.20 -9.99
C GLU A 111 -19.49 0.47 -9.46
N ILE A 112 -18.35 0.64 -10.14
CA ILE A 112 -17.08 0.10 -9.64
C ILE A 112 -16.79 0.68 -8.25
N LEU A 113 -16.88 2.00 -8.12
CA LEU A 113 -16.72 2.68 -6.82
C LEU A 113 -17.63 2.14 -5.71
N LYS A 114 -18.89 1.86 -6.05
CA LYS A 114 -19.83 1.25 -5.11
C LYS A 114 -19.31 -0.09 -4.57
N ASN A 115 -18.84 -0.96 -5.47
CA ASN A 115 -18.37 -2.31 -5.11
C ASN A 115 -17.08 -2.33 -4.29
N LEU A 116 -16.25 -1.29 -4.44
CA LEU A 116 -15.06 -1.12 -3.64
C LEU A 116 -15.43 -0.77 -2.17
N SER A 117 -16.37 0.16 -2.02
CA SER A 117 -16.99 0.47 -0.74
C SER A 117 -17.54 -0.75 -0.01
N GLN A 118 -18.27 -1.60 -0.73
CA GLN A 118 -18.71 -2.88 -0.15
C GLN A 118 -17.55 -3.80 0.26
N VAL A 119 -16.47 -3.83 -0.54
CA VAL A 119 -15.28 -4.57 -0.14
C VAL A 119 -14.76 -4.04 1.23
N ALA A 120 -14.72 -2.71 1.39
CA ALA A 120 -14.20 -2.06 2.61
C ALA A 120 -15.09 -2.26 3.86
N MET A 121 -16.41 -2.24 3.67
CA MET A 121 -17.35 -2.57 4.76
C MET A 121 -17.21 -4.04 5.15
N ARG A 122 -17.35 -4.92 4.16
CA ARG A 122 -17.16 -6.35 4.38
C ARG A 122 -15.87 -6.62 5.14
N CYS A 123 -14.73 -6.27 4.55
CA CYS A 123 -13.43 -6.61 5.14
C CYS A 123 -13.00 -5.82 6.39
N ARG A 124 -13.90 -4.96 6.88
CA ARG A 124 -13.66 -4.16 8.10
C ARG A 124 -12.49 -3.19 7.95
N CYS A 125 -12.50 -2.42 6.87
CA CYS A 125 -11.49 -1.40 6.63
C CYS A 125 -11.99 -0.02 7.10
N SER A 126 -11.14 0.73 7.77
CA SER A 126 -11.55 2.04 8.29
C SER A 126 -11.49 3.20 7.27
N SER A 127 -10.68 3.01 6.23
CA SER A 127 -10.47 3.99 5.17
C SER A 127 -10.16 3.29 3.87
N MET A 128 -10.35 4.00 2.76
CA MET A 128 -9.79 3.60 1.47
C MET A 128 -8.77 4.65 1.06
N HIS A 129 -7.53 4.22 0.85
CA HIS A 129 -6.47 5.07 0.34
C HIS A 129 -6.24 4.87 -1.16
N PHE A 130 -5.72 5.93 -1.80
CA PHE A 130 -5.35 5.97 -3.22
C PHE A 130 -4.60 7.26 -3.55
N LEU A 131 -3.93 7.25 -4.69
CA LEU A 131 -3.20 8.43 -5.20
C LEU A 131 -3.98 9.11 -6.30
N VAL A 132 -3.95 10.43 -6.30
CA VAL A 132 -4.46 11.26 -7.38
C VAL A 132 -3.33 12.19 -7.78
N ALA A 133 -3.12 12.37 -9.09
CA ALA A 133 -2.13 13.32 -9.60
C ALA A 133 -2.63 14.75 -9.35
N GLU A 134 -1.76 15.57 -8.78
CA GLU A 134 -2.10 16.94 -8.39
C GLU A 134 -2.66 17.81 -9.53
N TRP A 135 -2.28 17.49 -10.77
CA TRP A 135 -2.69 18.27 -11.94
C TRP A 135 -4.11 17.98 -12.40
N ASN A 136 -4.67 16.90 -11.85
CA ASN A 136 -5.93 16.33 -12.30
C ASN A 136 -7.10 16.87 -11.48
N GLU A 137 -7.32 18.17 -11.57
CA GLU A 137 -8.33 18.84 -10.73
C GLU A 137 -9.75 18.28 -10.89
N PRO A 138 -10.14 17.86 -12.12
CA PRO A 138 -11.47 17.25 -12.20
C PRO A 138 -11.62 15.98 -11.34
N SER A 139 -10.63 15.09 -11.39
CA SER A 139 -10.66 13.91 -10.54
C SER A 139 -10.52 14.21 -9.02
N ILE A 140 -9.69 15.18 -8.67
CA ILE A 140 -9.58 15.67 -7.29
C ILE A 140 -10.94 16.14 -6.76
N ASN A 141 -11.61 17.01 -7.53
CA ASN A 141 -12.88 17.59 -7.10
C ASN A 141 -13.96 16.51 -7.03
N PHE A 142 -13.93 15.59 -8.00
CA PHE A 142 -14.78 14.41 -8.00
C PHE A 142 -14.75 13.67 -6.64
N TYR A 143 -13.55 13.27 -6.21
CA TYR A 143 -13.33 12.56 -4.96
C TYR A 143 -13.63 13.38 -3.69
N LYS A 144 -13.30 14.66 -3.69
CA LYS A 144 -13.68 15.54 -2.59
C LYS A 144 -15.21 15.64 -2.41
N ARG A 145 -15.95 15.65 -3.52
CA ARG A 145 -17.41 15.65 -3.49
C ARG A 145 -17.94 14.40 -2.80
N ARG A 146 -17.12 13.34 -2.81
CA ARG A 146 -17.47 12.06 -2.20
C ARG A 146 -16.91 11.93 -0.78
N GLY A 147 -16.36 13.02 -0.25
CA GLY A 147 -15.87 13.03 1.12
C GLY A 147 -14.38 12.78 1.31
N ALA A 148 -13.63 12.72 0.22
CA ALA A 148 -12.18 12.48 0.30
C ALA A 148 -11.40 13.64 0.89
N SER A 149 -10.34 13.26 1.61
CA SER A 149 -9.35 14.20 2.13
C SER A 149 -8.05 14.04 1.35
N ASP A 150 -7.37 15.17 1.17
CA ASP A 150 -6.05 15.19 0.57
C ASP A 150 -5.02 15.19 1.70
N LEU A 151 -4.43 14.03 1.93
CA LEU A 151 -3.53 13.84 3.07
C LEU A 151 -2.14 14.37 2.78
N SER A 152 -1.82 14.52 1.50
CA SER A 152 -0.56 15.15 1.14
C SER A 152 -0.61 16.63 1.51
N SER A 153 -1.71 17.29 1.14
CA SER A 153 -1.95 18.70 1.47
C SER A 153 -2.24 18.96 2.95
N GLU A 154 -2.98 18.07 3.61
CA GLU A 154 -3.18 18.19 5.07
C GLU A 154 -1.93 17.87 5.92
N GLU A 155 -1.39 16.66 5.78
CA GLU A 155 -0.25 16.21 6.60
C GLU A 155 1.14 16.27 5.92
N GLY A 156 1.19 16.68 4.65
CA GLY A 156 2.46 16.84 3.94
C GLY A 156 3.20 15.58 3.45
N TRP A 157 2.51 14.44 3.40
CA TRP A 157 3.10 13.19 2.89
C TRP A 157 3.53 13.24 1.40
N ARG A 158 4.77 12.81 1.17
CA ARG A 158 5.27 12.59 -0.17
C ARG A 158 5.64 11.13 -0.37
N LEU A 159 5.32 10.62 -1.55
CA LEU A 159 5.64 9.26 -1.93
C LEU A 159 7.09 9.14 -2.40
N PHE A 160 7.83 8.24 -1.77
CA PHE A 160 9.20 7.94 -2.14
C PHE A 160 9.31 6.50 -2.59
N LYS A 161 10.31 6.23 -3.42
CA LYS A 161 10.64 4.87 -3.75
C LYS A 161 12.15 4.69 -3.83
N ILE A 162 12.64 3.55 -3.36
CA ILE A 162 14.00 3.16 -3.61
C ILE A 162 13.95 1.98 -4.58
N ASP A 163 14.61 2.14 -5.72
CA ASP A 163 14.60 1.15 -6.82
C ASP A 163 15.47 -0.06 -6.57
N LYS A 164 15.15 -1.20 -7.21
CA LYS A 164 15.91 -2.48 -7.09
C LYS A 164 17.43 -2.32 -7.02
N GLU A 165 17.96 -1.47 -7.90
CA GLU A 165 19.36 -1.17 -7.95
C GLU A 165 19.96 -0.86 -6.56
N TYR A 166 19.39 0.13 -5.87
CA TYR A 166 19.89 0.58 -4.57
C TYR A 166 19.55 -0.36 -3.41
N LEU A 167 18.46 -1.11 -3.54
CA LEU A 167 18.11 -2.14 -2.57
C LEU A 167 19.11 -3.28 -2.61
N LEU A 168 19.57 -3.63 -3.81
CA LEU A 168 20.68 -4.56 -4.02
C LEU A 168 21.91 -4.13 -3.23
N LYS A 169 22.31 -2.86 -3.39
CA LYS A 169 23.43 -2.31 -2.63
C LYS A 169 23.23 -2.54 -1.13
N MET A 170 22.10 -2.05 -0.61
CA MET A 170 21.78 -2.10 0.82
C MET A 170 21.64 -3.51 1.36
N ALA A 171 21.10 -4.42 0.56
CA ALA A 171 21.04 -5.84 0.95
C ALA A 171 22.42 -6.48 1.13
N THR A 172 23.48 -5.76 0.73
CA THR A 172 24.86 -6.28 0.73
C THR A 172 25.89 -5.26 1.28
N GLU A 173 25.41 -4.09 1.72
CA GLU A 173 26.31 -3.01 2.18
C GLU A 173 26.72 -3.13 3.65
N ALA B 5 27.51 -2.33 21.60
CA ALA B 5 26.01 -2.37 21.53
C ALA B 5 25.55 -3.59 20.74
N LYS B 6 25.19 -4.65 21.46
CA LYS B 6 24.74 -5.90 20.83
C LYS B 6 23.22 -5.85 20.62
N PHE B 7 22.79 -6.25 19.43
CA PHE B 7 21.38 -6.32 19.10
C PHE B 7 21.20 -7.24 17.91
N VAL B 8 20.00 -7.80 17.78
CA VAL B 8 19.66 -8.56 16.60
C VAL B 8 18.37 -8.04 15.97
N ILE B 9 18.35 -8.04 14.64
CA ILE B 9 17.15 -7.78 13.87
C ILE B 9 16.61 -9.15 13.42
N ARG B 10 15.33 -9.38 13.66
CA ARG B 10 14.68 -10.65 13.39
C ARG B 10 13.21 -10.42 13.01
N PRO B 11 12.57 -11.42 12.37
CA PRO B 11 11.12 -11.37 12.23
C PRO B 11 10.43 -11.33 13.59
N ALA B 12 9.31 -10.62 13.66
CA ALA B 12 8.48 -10.59 14.85
C ALA B 12 7.77 -11.93 15.00
N THR B 13 7.46 -12.33 16.23
CA THR B 13 6.60 -13.49 16.50
C THR B 13 5.39 -13.00 17.27
N ALA B 14 4.37 -13.86 17.42
CA ALA B 14 3.19 -13.55 18.22
C ALA B 14 3.54 -13.06 19.65
N ALA B 15 4.63 -13.57 20.21
CA ALA B 15 5.05 -13.15 21.55
C ALA B 15 5.56 -11.68 21.58
N ASP B 16 5.86 -11.10 20.42
CA ASP B 16 6.34 -9.70 20.31
C ASP B 16 5.24 -8.61 20.21
N CYS B 17 3.98 -9.00 20.07
CA CYS B 17 2.93 -8.03 19.72
C CYS B 17 2.71 -6.95 20.77
N SER B 18 2.89 -7.32 22.04
CA SER B 18 2.78 -6.36 23.14
C SER B 18 3.85 -5.29 23.04
N ASP B 19 5.08 -5.72 22.73
CA ASP B 19 6.18 -4.79 22.51
C ASP B 19 5.93 -3.90 21.29
N ILE B 20 5.43 -4.49 20.21
CA ILE B 20 5.13 -3.72 19.01
C ILE B 20 4.09 -2.62 19.26
N LEU B 21 2.99 -2.96 19.96
CA LEU B 21 1.98 -1.97 20.36
C LEU B 21 2.58 -0.87 21.23
N ARG B 22 3.45 -1.26 22.17
CA ARG B 22 4.14 -0.33 23.06
C ARG B 22 5.00 0.65 22.26
N LEU B 23 5.84 0.12 21.36
CA LEU B 23 6.63 0.97 20.49
C LEU B 23 5.79 1.85 19.55
N ILE B 24 4.65 1.30 19.09
CA ILE B 24 3.68 2.04 18.25
C ILE B 24 3.14 3.24 19.03
N LYS B 25 2.82 3.01 20.30
CA LYS B 25 2.33 4.06 21.19
C LYS B 25 3.42 5.10 21.52
N GLU B 26 4.67 4.66 21.60
CA GLU B 26 5.82 5.57 21.71
C GLU B 26 6.04 6.37 20.42
N LEU B 27 5.90 5.72 19.28
CA LEU B 27 5.93 6.40 17.98
C LEU B 27 4.85 7.47 17.91
N ALA B 28 3.63 7.14 18.34
CA ALA B 28 2.51 8.10 18.35
C ALA B 28 2.80 9.30 19.25
N LYS B 29 3.28 9.02 20.45
CA LYS B 29 3.77 10.01 21.40
C LYS B 29 4.84 10.91 20.79
N TYR B 30 5.62 10.35 19.86
CA TYR B 30 6.69 11.08 19.18
C TYR B 30 6.13 11.98 18.09
N GLU B 31 5.38 11.38 17.15
CA GLU B 31 4.73 12.11 16.04
C GLU B 31 4.18 13.46 16.50
N TYR B 32 4.16 14.43 15.60
CA TYR B 32 3.75 15.78 15.97
C TYR B 32 2.24 15.90 15.91
N MET B 33 1.65 15.27 14.88
CA MET B 33 0.21 15.14 14.76
C MET B 33 -0.26 14.32 15.96
N GLU B 34 -1.44 14.63 16.48
CA GLU B 34 -1.96 13.90 17.63
C GLU B 34 -3.14 12.99 17.28
N GLU B 35 -2.84 11.70 17.12
CA GLU B 35 -3.87 10.71 16.88
C GLU B 35 -3.81 9.59 17.93
N GLN B 36 -4.99 9.14 18.35
CA GLN B 36 -5.11 8.03 19.27
C GLN B 36 -4.82 6.71 18.53
N VAL B 37 -3.91 5.92 19.08
CA VAL B 37 -3.72 4.54 18.65
C VAL B 37 -4.93 3.74 19.13
N ILE B 38 -5.72 3.29 18.18
CA ILE B 38 -6.96 2.61 18.46
C ILE B 38 -6.72 1.09 18.46
N LEU B 39 -5.60 0.67 17.85
CA LEU B 39 -5.22 -0.73 17.77
C LEU B 39 -4.94 -1.36 19.12
N THR B 40 -5.41 -2.60 19.28
CA THR B 40 -5.17 -3.40 20.48
C THR B 40 -4.13 -4.47 20.18
N GLU B 41 -3.67 -5.13 21.23
CA GLU B 41 -2.76 -6.26 21.09
C GLU B 41 -3.44 -7.41 20.34
N LYS B 42 -4.70 -7.68 20.64
CA LYS B 42 -5.49 -8.67 19.88
C LYS B 42 -5.55 -8.37 18.36
N ASP B 43 -5.84 -7.12 17.98
CA ASP B 43 -5.79 -6.67 16.54
C ASP B 43 -4.48 -7.09 15.89
N LEU B 44 -3.37 -6.70 16.53
CA LEU B 44 -2.03 -7.04 16.07
C LEU B 44 -1.80 -8.54 15.85
N LEU B 45 -2.36 -9.35 16.75
CA LEU B 45 -2.29 -10.82 16.68
C LEU B 45 -3.14 -11.38 15.54
N GLU B 46 -4.43 -11.04 15.53
CA GLU B 46 -5.31 -11.50 14.44
C GLU B 46 -4.79 -11.06 13.07
N ASP B 47 -4.44 -9.78 12.96
CA ASP B 47 -4.03 -9.19 11.67
C ASP B 47 -2.65 -9.61 11.19
N GLY B 48 -1.78 -9.97 12.12
CA GLY B 48 -0.40 -10.33 11.74
C GLY B 48 -0.05 -11.79 11.89
N PHE B 49 -0.76 -12.48 12.78
CA PHE B 49 -0.41 -13.85 13.15
C PHE B 49 -1.59 -14.82 13.04
N GLY B 50 -2.68 -14.32 12.47
CA GLY B 50 -3.80 -15.16 12.06
C GLY B 50 -3.50 -15.87 10.74
N GLU B 51 -4.55 -16.07 9.95
CA GLU B 51 -4.46 -16.86 8.73
C GLU B 51 -3.79 -16.10 7.57
N HIS B 52 -4.38 -14.97 7.17
CA HIS B 52 -3.71 -14.06 6.22
C HIS B 52 -3.04 -12.89 6.95
N PRO B 53 -1.71 -12.73 6.77
CA PRO B 53 -1.02 -11.59 7.40
C PRO B 53 -1.20 -10.30 6.59
N PHE B 54 -1.82 -9.29 7.21
CA PHE B 54 -1.97 -7.96 6.62
C PHE B 54 -0.77 -7.01 6.82
N TYR B 55 0.12 -7.33 7.76
CA TYR B 55 1.39 -6.62 7.96
C TYR B 55 2.44 -7.65 8.37
N HIS B 56 3.71 -7.27 8.21
CA HIS B 56 4.85 -8.00 8.72
C HIS B 56 5.74 -7.03 9.49
N CYS B 57 6.28 -7.46 10.62
CA CYS B 57 7.19 -6.65 11.42
C CYS B 57 8.56 -7.29 11.56
N LEU B 58 9.58 -6.45 11.49
CA LEU B 58 10.92 -6.77 11.93
C LEU B 58 11.09 -6.07 13.25
N VAL B 59 11.85 -6.73 14.13
CA VAL B 59 11.97 -6.32 15.52
C VAL B 59 13.48 -6.23 15.90
N ALA B 60 13.86 -5.21 16.68
CA ALA B 60 15.22 -5.09 17.22
C ALA B 60 15.28 -5.60 18.65
N GLU B 61 16.06 -6.65 18.88
CA GLU B 61 16.10 -7.28 20.20
C GLU B 61 17.49 -7.18 20.83
N VAL B 62 17.54 -6.70 22.08
CA VAL B 62 18.82 -6.64 22.84
C VAL B 62 18.94 -7.73 23.91
N PRO B 63 20.19 -8.18 24.21
CA PRO B 63 20.41 -9.13 25.31
C PRO B 63 20.12 -8.51 26.68
N LYS B 64 19.91 -9.38 27.68
CA LYS B 64 19.55 -9.00 29.07
C LYS B 64 20.38 -7.81 29.59
N GLU B 65 21.64 -7.79 29.18
CA GLU B 65 22.59 -6.68 29.40
C GLU B 65 21.96 -5.27 29.30
N HIS B 66 21.37 -4.95 28.15
CA HIS B 66 20.81 -3.61 27.91
C HIS B 66 19.27 -3.51 27.81
N TRP B 67 18.55 -4.39 28.53
CA TRP B 67 17.08 -4.28 28.59
C TRP B 67 16.59 -2.92 29.08
N THR B 68 15.35 -2.57 28.70
CA THR B 68 14.76 -1.25 29.00
C THR B 68 14.53 -1.05 30.51
N PRO B 69 14.27 0.21 30.95
CA PRO B 69 13.88 0.55 32.33
C PRO B 69 12.77 -0.34 32.92
N GLU B 70 11.78 -0.69 32.11
CA GLU B 70 10.69 -1.55 32.56
C GLU B 70 10.95 -3.04 32.27
N GLY B 71 12.16 -3.34 31.78
CA GLY B 71 12.59 -4.73 31.59
C GLY B 71 12.22 -5.38 30.28
N HIS B 72 12.17 -4.60 29.20
CA HIS B 72 11.87 -5.15 27.87
C HIS B 72 13.13 -5.35 27.03
N SER B 73 13.13 -6.39 26.20
CA SER B 73 14.24 -6.68 25.29
C SER B 73 14.08 -6.08 23.88
N ILE B 74 12.85 -5.64 23.54
CA ILE B 74 12.52 -5.10 22.22
C ILE B 74 12.61 -3.56 22.23
N VAL B 75 13.49 -3.04 21.38
CA VAL B 75 13.88 -1.63 21.42
C VAL B 75 13.63 -0.90 20.09
N GLY B 76 13.21 -1.63 19.06
CA GLY B 76 12.80 -0.98 17.83
C GLY B 76 11.97 -1.91 16.95
N PHE B 77 11.33 -1.35 15.93
CA PHE B 77 10.62 -2.20 14.95
C PHE B 77 10.48 -1.52 13.60
N ALA B 78 10.16 -2.33 12.60
CA ALA B 78 9.73 -1.86 11.30
C ALA B 78 8.43 -2.58 10.97
N MET B 79 7.48 -1.89 10.35
CA MET B 79 6.27 -2.53 9.84
C MET B 79 6.22 -2.41 8.32
N TYR B 80 5.97 -3.52 7.65
CA TYR B 80 5.93 -3.53 6.20
C TYR B 80 4.88 -4.50 5.66
N TYR B 81 4.56 -4.35 4.37
CA TYR B 81 3.67 -5.26 3.67
C TYR B 81 4.04 -5.20 2.17
N PHE B 82 3.32 -6.00 1.38
CA PHE B 82 3.54 -6.11 -0.04
C PHE B 82 2.36 -5.50 -0.75
N THR B 83 2.66 -4.68 -1.77
CA THR B 83 1.65 -3.97 -2.53
C THR B 83 1.82 -4.33 -4.02
N TYR B 84 1.07 -3.69 -4.90
CA TYR B 84 1.08 -4.10 -6.30
C TYR B 84 0.98 -2.96 -7.28
N ASP B 85 1.75 -3.09 -8.36
CA ASP B 85 1.82 -2.10 -9.43
C ASP B 85 1.50 -2.77 -10.78
N PRO B 86 0.50 -2.27 -11.53
CA PRO B 86 0.08 -2.87 -12.80
C PRO B 86 1.14 -2.88 -13.91
N TRP B 87 2.13 -1.99 -13.81
CA TRP B 87 3.24 -1.94 -14.75
C TRP B 87 4.29 -2.99 -14.46
N ILE B 88 4.54 -3.25 -13.18
CA ILE B 88 5.76 -3.97 -12.78
C ILE B 88 5.61 -4.99 -11.65
N GLY B 89 4.42 -5.12 -11.09
CA GLY B 89 4.14 -6.21 -10.18
C GLY B 89 4.34 -5.89 -8.71
N LYS B 90 4.89 -6.87 -7.99
CA LYS B 90 4.97 -6.85 -6.54
C LYS B 90 5.96 -5.82 -6.09
N LEU B 91 5.57 -5.07 -5.05
CA LEU B 91 6.46 -4.09 -4.40
C LEU B 91 6.52 -4.35 -2.88
N LEU B 92 7.62 -3.92 -2.26
CA LEU B 92 7.72 -3.87 -0.82
C LEU B 92 7.28 -2.46 -0.38
N TYR B 93 6.40 -2.39 0.61
CA TYR B 93 5.91 -1.11 1.13
C TYR B 93 6.33 -0.99 2.59
N LEU B 94 7.08 0.05 2.91
CA LEU B 94 7.53 0.32 4.27
C LEU B 94 6.55 1.30 4.92
N GLU B 95 5.80 0.80 5.91
CA GLU B 95 4.79 1.60 6.59
C GLU B 95 5.44 2.51 7.62
N ASP B 96 6.19 1.91 8.53
CA ASP B 96 6.85 2.66 9.57
C ASP B 96 8.03 1.91 10.16
N PHE B 97 8.95 2.68 10.74
CA PHE B 97 9.86 2.17 11.76
C PHE B 97 10.34 3.19 12.81
N PHE B 98 10.79 2.67 13.94
CA PHE B 98 11.00 3.47 15.13
C PHE B 98 12.00 2.76 16.03
N VAL B 99 12.92 3.53 16.60
CA VAL B 99 13.86 3.03 17.59
C VAL B 99 13.70 3.88 18.86
N MET B 100 13.65 3.25 20.03
CA MET B 100 13.55 3.99 21.31
C MET B 100 14.72 4.97 21.49
N SER B 101 14.43 6.13 22.07
CA SER B 101 15.42 7.22 22.21
C SER B 101 16.78 6.82 22.76
N ASP B 102 16.80 6.12 23.89
CA ASP B 102 18.08 5.71 24.50
C ASP B 102 18.87 4.65 23.70
N TYR B 103 18.34 4.24 22.56
CA TYR B 103 18.94 3.16 21.75
C TYR B 103 19.24 3.61 20.34
N ARG B 104 18.91 4.87 20.06
CA ARG B 104 19.30 5.53 18.82
C ARG B 104 20.83 5.74 18.71
N GLY B 105 21.34 5.68 17.49
CA GLY B 105 22.74 5.99 17.23
C GLY B 105 23.74 4.85 17.28
N PHE B 106 23.24 3.60 17.24
CA PHE B 106 24.12 2.41 17.32
C PHE B 106 23.99 1.48 16.12
N GLY B 107 23.36 1.98 15.06
CA GLY B 107 23.24 1.23 13.81
C GLY B 107 22.00 0.37 13.65
N ILE B 108 21.07 0.42 14.61
CA ILE B 108 19.86 -0.38 14.55
C ILE B 108 19.02 -0.01 13.31
N GLY B 109 18.75 1.29 13.19
CA GLY B 109 17.98 1.87 12.08
C GLY B 109 18.49 1.43 10.73
N SER B 110 19.79 1.62 10.49
CA SER B 110 20.45 1.20 9.25
C SER B 110 20.38 -0.31 9.07
N GLU B 111 20.60 -1.04 10.15
CA GLU B 111 20.50 -2.49 10.10
C GLU B 111 19.05 -2.95 9.81
N ILE B 112 18.05 -2.21 10.29
CA ILE B 112 16.65 -2.49 9.91
C ILE B 112 16.49 -2.25 8.41
N LEU B 113 16.95 -1.08 7.94
CA LEU B 113 16.96 -0.78 6.50
C LEU B 113 17.61 -1.89 5.69
N LYS B 114 18.69 -2.44 6.22
CA LYS B 114 19.43 -3.49 5.52
C LYS B 114 18.57 -4.73 5.34
N ASN B 115 17.90 -5.15 6.41
CA ASN B 115 17.06 -6.36 6.42
C ASN B 115 15.79 -6.25 5.56
N LEU B 116 15.25 -5.04 5.45
CA LEU B 116 14.13 -4.76 4.55
C LEU B 116 14.52 -4.93 3.07
N SER B 117 15.71 -4.46 2.71
CA SER B 117 16.30 -4.71 1.41
C SER B 117 16.45 -6.20 1.07
N GLN B 118 16.86 -7.00 2.04
CA GLN B 118 16.89 -8.45 1.86
C GLN B 118 15.48 -9.03 1.62
N VAL B 119 14.49 -8.59 2.40
CA VAL B 119 13.09 -8.97 2.18
C VAL B 119 12.67 -8.69 0.71
N ALA B 120 13.04 -7.53 0.19
CA ALA B 120 12.67 -7.14 -1.17
C ALA B 120 13.24 -8.07 -2.26
N MET B 121 14.44 -8.61 -2.04
CA MET B 121 15.05 -9.52 -3.03
C MET B 121 14.48 -10.92 -2.88
N ARG B 122 14.33 -11.37 -1.65
CA ARG B 122 13.76 -12.68 -1.37
C ARG B 122 12.31 -12.83 -1.89
N CYS B 123 11.58 -11.72 -1.96
CA CYS B 123 10.21 -11.76 -2.46
C CYS B 123 10.05 -11.22 -3.88
N ARG B 124 11.17 -10.91 -4.53
CA ARG B 124 11.21 -10.44 -5.91
C ARG B 124 10.41 -9.14 -6.12
N CYS B 125 10.73 -8.13 -5.32
CA CYS B 125 10.11 -6.80 -5.45
C CYS B 125 10.99 -5.86 -6.29
N SER B 126 10.37 -5.11 -7.18
CA SER B 126 11.07 -4.19 -8.10
C SER B 126 11.52 -2.89 -7.43
N SER B 127 10.77 -2.42 -6.43
CA SER B 127 11.21 -1.34 -5.56
C SER B 127 10.56 -1.38 -4.17
N MET B 128 10.89 -0.39 -3.35
CA MET B 128 10.31 -0.24 -2.02
C MET B 128 9.74 1.17 -1.93
N HIS B 129 8.45 1.26 -1.65
CA HIS B 129 7.75 2.52 -1.50
C HIS B 129 7.54 2.82 -0.02
N PHE B 130 7.50 4.10 0.30
CA PHE B 130 7.19 4.63 1.64
C PHE B 130 6.82 6.10 1.54
N LEU B 131 6.30 6.64 2.64
CA LEU B 131 5.93 8.05 2.71
C LEU B 131 6.90 8.79 3.60
N VAL B 132 7.22 10.02 3.22
CA VAL B 132 8.02 10.92 4.06
C VAL B 132 7.29 12.27 4.11
N ALA B 133 7.20 12.88 5.29
CA ALA B 133 6.71 14.26 5.44
C ALA B 133 7.66 15.26 4.79
N GLU B 134 7.09 16.08 3.90
CA GLU B 134 7.82 17.14 3.17
C GLU B 134 8.65 18.06 4.07
N TRP B 135 8.21 18.26 5.31
CA TRP B 135 8.91 19.13 6.25
C TRP B 135 10.18 18.50 6.81
N ASN B 136 10.24 17.17 6.76
CA ASN B 136 11.32 16.41 7.36
C ASN B 136 12.55 16.33 6.45
N GLU B 137 13.24 17.47 6.31
CA GLU B 137 14.38 17.55 5.38
C GLU B 137 15.56 16.62 5.73
N PRO B 138 15.81 16.38 7.03
CA PRO B 138 16.81 15.35 7.37
C PRO B 138 16.48 13.95 6.83
N SER B 139 15.24 13.47 7.00
CA SER B 139 14.84 12.18 6.43
C SER B 139 14.92 12.14 4.90
N ILE B 140 14.39 13.16 4.25
CA ILE B 140 14.41 13.28 2.79
C ILE B 140 15.84 13.13 2.24
N ASN B 141 16.76 13.94 2.75
CA ASN B 141 18.17 13.89 2.35
C ASN B 141 18.84 12.57 2.69
N PHE B 142 18.55 12.04 3.88
CA PHE B 142 19.00 10.72 4.27
C PHE B 142 18.61 9.67 3.21
N TYR B 143 17.32 9.66 2.81
CA TYR B 143 16.82 8.70 1.82
C TYR B 143 17.34 8.93 0.40
N LYS B 144 17.50 10.18 0.00
CA LYS B 144 18.12 10.51 -1.30
C LYS B 144 19.57 9.97 -1.39
N ARG B 145 20.35 10.19 -0.33
CA ARG B 145 21.76 9.76 -0.30
C ARG B 145 21.84 8.27 -0.57
N ARG B 146 20.68 7.60 -0.45
CA ARG B 146 20.57 6.16 -0.67
C ARG B 146 19.88 5.81 -2.01
N GLY B 147 19.68 6.80 -2.87
CA GLY B 147 19.08 6.57 -4.18
C GLY B 147 17.56 6.72 -4.28
N ALA B 148 16.93 7.22 -3.22
CA ALA B 148 15.48 7.40 -3.24
C ALA B 148 15.05 8.51 -4.18
N SER B 149 13.95 8.25 -4.89
CA SER B 149 13.28 9.25 -5.71
C SER B 149 12.07 9.78 -4.96
N ASP B 150 11.75 11.06 -5.20
CA ASP B 150 10.54 11.68 -4.68
C ASP B 150 9.49 11.67 -5.78
N LEU B 151 8.55 10.72 -5.68
CA LEU B 151 7.59 10.49 -6.76
C LEU B 151 6.47 11.50 -6.76
N SER B 152 6.23 12.12 -5.61
CA SER B 152 5.28 13.20 -5.54
C SER B 152 5.81 14.42 -6.32
N SER B 153 7.06 14.79 -6.08
CA SER B 153 7.73 15.88 -6.80
C SER B 153 7.91 15.62 -8.28
N GLU B 154 8.33 14.41 -8.63
CA GLU B 154 8.51 14.05 -10.04
C GLU B 154 7.19 13.85 -10.80
N GLU B 155 6.28 13.05 -10.24
CA GLU B 155 5.03 12.71 -10.94
C GLU B 155 3.73 13.38 -10.42
N GLY B 156 3.85 14.20 -9.37
CA GLY B 156 2.69 14.90 -8.81
C GLY B 156 1.66 14.10 -8.00
N TRP B 157 1.99 12.87 -7.61
CA TRP B 157 1.10 12.06 -6.76
C TRP B 157 0.73 12.68 -5.40
N ARG B 158 -0.56 12.72 -5.14
CA ARG B 158 -1.04 13.05 -3.80
C ARG B 158 -1.83 11.89 -3.21
N LEU B 159 -1.60 11.66 -1.92
CA LEU B 159 -2.31 10.66 -1.14
C LEU B 159 -3.70 11.13 -0.75
N PHE B 160 -4.72 10.37 -1.16
CA PHE B 160 -6.10 10.67 -0.80
C PHE B 160 -6.70 9.59 0.10
N LYS B 161 -7.74 9.97 0.84
CA LYS B 161 -8.39 9.08 1.78
C LYS B 161 -9.90 9.31 1.73
N ILE B 162 -10.67 8.24 1.54
CA ILE B 162 -12.11 8.31 1.82
C ILE B 162 -12.36 7.43 3.04
N ASP B 163 -12.76 8.04 4.14
CA ASP B 163 -12.85 7.25 5.37
C ASP B 163 -14.23 6.61 5.61
N LYS B 164 -14.29 5.65 6.54
CA LYS B 164 -15.46 4.77 6.81
C LYS B 164 -16.86 5.37 6.55
N GLU B 165 -17.06 6.60 7.03
CA GLU B 165 -18.33 7.29 6.95
C GLU B 165 -18.86 7.48 5.52
N TYR B 166 -17.98 7.87 4.60
CA TYR B 166 -18.40 8.11 3.23
C TYR B 166 -18.44 6.83 2.39
N LEU B 167 -17.62 5.85 2.75
CA LEU B 167 -17.68 4.53 2.14
C LEU B 167 -18.99 3.83 2.48
N LEU B 168 -19.53 4.15 3.66
CA LEU B 168 -20.81 3.66 4.16
C LEU B 168 -21.95 4.10 3.24
N LYS B 169 -21.96 5.37 2.89
CA LYS B 169 -22.93 5.94 1.97
C LYS B 169 -22.88 5.25 0.61
N MET B 170 -21.69 5.28 0.01
CA MET B 170 -21.44 4.72 -1.32
C MET B 170 -21.78 3.24 -1.40
N ALA B 171 -21.49 2.49 -0.35
CA ALA B 171 -21.78 1.06 -0.30
C ALA B 171 -23.28 0.72 -0.21
N THR B 172 -24.13 1.73 0.03
CA THR B 172 -25.57 1.52 0.27
C THR B 172 -26.49 2.30 -0.67
N GLU B 173 -26.13 3.53 -1.00
CA GLU B 173 -26.86 4.37 -1.98
C GLU B 173 -27.45 3.54 -3.13
N6A NHQ C . -12.44 8.48 -11.14
C6A NHQ C . -13.01 9.57 -11.66
N1A NHQ C . -12.31 10.69 -11.84
C2A NHQ C . -12.88 11.78 -12.36
N3A NHQ C . -14.16 11.80 -12.70
C4A NHQ C . -14.92 10.70 -12.54
C5A NHQ C . -14.37 9.54 -12.01
N9A NHQ C . -16.20 10.44 -12.79
N7A NHQ C . -15.33 8.62 -11.96
C8A NHQ C . -16.45 9.17 -12.43
CEM NHQ C . 1.57 3.32 -10.75
CBM NHQ C . -0.54 5.77 -9.14
CCM NHQ C . 0.53 5.55 -10.20
CDM NHQ C . 1.56 4.51 -9.78
C9M NHQ C . 3.48 3.49 -12.23
C8M NHQ C . 3.85 3.37 -13.71
C7M NHQ C . 4.11 4.74 -14.34
C3M NHQ C . -2.93 5.73 -8.86
C4M NHQ C . -4.11 6.56 -9.35
C5M NHQ C . -5.34 5.70 -9.57
C1M NHQ C . -7.63 6.50 -9.06
O1M NHQ C . -8.53 6.80 -8.27
CP NHQ C . -7.91 6.61 -10.43
P3X NHQ C . -20.02 13.52 -16.31
O7A NHQ C . -19.74 15.12 -16.34
O8A NHQ C . -19.71 12.79 -17.73
O9A NHQ C . -21.37 13.17 -15.77
O3X NHQ C . -18.95 12.91 -15.25
S1 NHQ C . -9.46 7.15 -11.12
N4 NHQ C . -9.01 8.72 -14.86
C5 NHQ C . -8.88 8.63 -16.19
O5 NHQ C . -8.88 9.61 -16.94
C6 NHQ C . -8.74 7.22 -16.80
C7 NHQ C . -9.54 7.13 -18.11
N8 NHQ C . -10.98 7.33 -17.82
C9 NHQ C . -11.77 6.31 -17.48
O9 NHQ C . -11.37 5.14 -17.42
C13 NHQ C . -12.90 5.93 -14.77
C11 NHQ C . -13.49 7.01 -15.69
C14 NHQ C . -12.81 8.36 -15.35
C12 NHQ C . -15.00 7.16 -15.39
P1A NHQ C . -19.57 7.12 -14.98
O2A NHQ C . -19.99 6.53 -13.68
O1A NHQ C . -20.28 6.70 -16.22
O3A NHQ C . -17.97 6.91 -15.14
O5X NHQ C . -19.57 8.74 -14.92
C4X NHQ C . -19.45 10.97 -13.82
O4X NHQ C . -18.49 11.22 -12.76
C1X NHQ C . -17.17 11.41 -13.37
C2X NHQ C . -17.31 11.17 -14.88
O2X NHQ C . -16.50 12.07 -15.64
C3X NHQ C . -18.80 11.47 -15.12
C5X NHQ C . -19.95 9.49 -13.76
P2A NHQ C . -17.25 6.00 -16.28
O4A NHQ C . -17.85 4.65 -16.31
O5A NHQ C . -17.17 6.77 -17.53
O6A NHQ C . -15.76 5.95 -15.61
C10 NHQ C . -13.25 6.66 -17.19
O10 NHQ C . -13.70 7.72 -18.04
C3 NHQ C . -9.03 7.61 -13.89
C2 NHQ C . -8.85 8.21 -12.49
N53 NHQ C . 3.23 4.91 -15.50
N52 NHQ C . 2.02 3.71 -12.10
N51 NHQ C . -1.83 5.88 -9.82
N50 NHQ C . -6.43 6.09 -8.65
N6A NHQ D . 15.06 8.09 8.65
C6A NHQ D . 16.10 8.87 8.98
N1A NHQ D . 16.01 10.20 8.90
C2A NHQ D . 17.03 10.99 9.22
N3A NHQ D . 18.19 10.48 9.65
C4A NHQ D . 18.34 9.15 9.76
C5A NHQ D . 17.29 8.30 9.44
N9A NHQ D . 19.36 8.38 10.16
N7A NHQ D . 17.71 7.06 9.64
C8A NHQ D . 18.96 7.10 10.08
CEM NHQ D . -0.19 6.97 10.08
CBM NHQ D . 2.25 7.54 7.25
CCM NHQ D . 1.13 8.02 8.17
CDM NHQ D . 0.18 6.90 8.58
C9M NHQ D . -1.73 7.91 11.71
C8M NHQ D . -1.74 9.36 12.26
C7M NHQ D . -0.34 9.80 12.70
C3M NHQ D . 4.57 6.88 7.22
C4M NHQ D . 5.92 7.57 7.21
C5M NHQ D . 7.00 6.70 7.84
C1M NHQ D . 9.32 6.22 7.10
O1M NHQ D . 10.12 5.89 6.22
CP NHQ D . 9.82 6.52 8.37
P3X NHQ D . 24.45 10.76 12.17
O7A NHQ D . 25.34 9.62 11.40
O8A NHQ D . 24.73 12.25 11.63
O9A NHQ D . 24.54 10.66 13.66
O3X NHQ D . 22.87 10.44 11.80
S1 NHQ D . 11.56 6.43 8.81
N4 NHQ D . 11.96 9.05 12.00
C5 NHQ D . 11.79 9.42 13.29
O5 NHQ D . 12.09 10.55 13.69
C6 NHQ D . 11.21 8.40 14.27
C7 NHQ D . 11.98 8.48 15.61
N8 NHQ D . 13.41 8.19 15.39
C9 NHQ D . 13.87 6.94 15.26
O9 NHQ D . 13.14 5.95 15.34
C13 NHQ D . 14.95 5.44 12.86
C11 NHQ D . 15.75 6.60 13.49
C14 NHQ D . 15.44 7.88 12.72
C12 NHQ D . 17.26 6.33 13.33
P1A NHQ D . 21.54 4.50 13.06
O2A NHQ D . 21.43 3.31 12.19
O1A NHQ D . 22.25 4.40 14.37
O3A NHQ D . 20.08 5.17 13.32
O5X NHQ D . 22.19 5.66 12.14
C4X NHQ D . 22.63 8.01 11.67
O4X NHQ D . 21.69 7.79 10.56
C1X NHQ D . 20.70 8.87 10.61
C2X NHQ D . 20.71 9.36 12.07
O2X NHQ D . 20.24 10.71 12.18
C3X NHQ D . 22.20 9.30 12.38
C5X NHQ D . 22.59 6.90 12.72
P2A NHQ D . 19.06 4.79 14.53
O4A NHQ D . 19.24 3.37 14.91
O5A NHQ D . 19.15 5.82 15.59
O6A NHQ D . 17.67 5.00 13.74
C10 NHQ D . 15.39 6.78 15.00
O10 NHQ D . 16.12 7.88 15.57
C3 NHQ D . 11.65 7.74 11.38
C2 NHQ D . 11.73 7.95 9.86
N53 NHQ D . -0.40 10.55 13.95
N52 NHQ D . -1.34 7.87 10.29
N51 NHQ D . 3.56 7.72 7.90
N50 NHQ D . 8.01 6.31 6.85
#